data_4Q0Y
#
_entry.id   4Q0Y
#
_cell.length_a   34.224
_cell.length_b   96.134
_cell.length_c   118.711
_cell.angle_alpha   90.000
_cell.angle_beta   90.000
_cell.angle_gamma   90.000
#
_symmetry.space_group_name_H-M   'P 21 21 21'
#
loop_
_entity.id
_entity.type
_entity.pdbx_description
1 polymer 'Uncharacterized protein'
2 non-polymer 'CADMIUM ION'
3 non-polymer 1,2-ETHANEDIOL
4 water water
#
_entity_poly.entity_id   1
_entity_poly.type   'polypeptide(L)'
_entity_poly.pdbx_seq_one_letter_code
;GR(MSE)EISSLSSIDVFKFNSFSKFSNDKIGVIYDEEKLSKFKVI(MSE)NSLDTSEGIKKIEVPKDANIESFKYSYHI
QPNLKYVEDNNVYDGYFLLYILVGDSEGKSYIIFSGTELSYVLDKNNTNILKEIFLNVKKQQ
;
_entity_poly.pdbx_strand_id   A,B,C
#
loop_
_chem_comp.id
_chem_comp.type
_chem_comp.name
_chem_comp.formula
CD non-polymer 'CADMIUM ION' 'Cd 2'
EDO non-polymer 1,2-ETHANEDIOL 'C2 H6 O2'
#
# COMPACT_ATOMS: atom_id res chain seq x y z
N GLY A 1 -6.93 -15.31 11.14
CA GLY A 1 -5.81 -16.09 10.54
C GLY A 1 -5.53 -17.42 11.25
N ARG A 2 -6.57 -18.23 11.42
CA ARG A 2 -6.38 -19.61 11.86
C ARG A 2 -5.71 -20.48 10.77
N MSE A 3 -5.81 -20.06 9.51
CA MSE A 3 -5.17 -20.75 8.37
C MSE A 3 -4.30 -19.78 7.65
O MSE A 3 -4.79 -18.75 7.18
CB MSE A 3 -6.24 -21.25 7.44
CG MSE A 3 -7.02 -22.31 8.17
SE MSE A 3 -8.60 -22.83 7.15
CE MSE A 3 -7.76 -23.88 5.72
N GLU A 4 -3.00 -20.07 7.62
CA GLU A 4 -2.00 -19.17 7.08
C GLU A 4 -1.16 -19.90 6.06
N ILE A 5 -1.14 -19.43 4.82
CA ILE A 5 -0.32 -20.08 3.77
C ILE A 5 1.13 -19.81 4.10
N SER A 6 1.93 -20.88 4.18
CA SER A 6 3.36 -20.75 4.49
C SER A 6 4.21 -20.71 3.23
N SER A 7 3.80 -21.44 2.19
CA SER A 7 4.53 -21.50 0.93
C SER A 7 3.66 -22.03 -0.21
N LEU A 8 4.03 -21.67 -1.44
CA LEU A 8 3.47 -22.22 -2.68
C LEU A 8 4.55 -22.99 -3.43
N SER A 9 4.17 -24.12 -4.01
CA SER A 9 5.04 -24.94 -4.81
C SER A 9 4.87 -24.69 -6.31
N SER A 10 3.64 -24.37 -6.72
CA SER A 10 3.33 -23.98 -8.09
C SER A 10 1.94 -23.38 -8.19
N ILE A 11 1.66 -22.78 -9.34
CA ILE A 11 0.30 -22.40 -9.70
C ILE A 11 0.01 -22.99 -11.07
N ASP A 12 -0.94 -23.91 -11.15
CA ASP A 12 -1.42 -24.42 -12.43
C ASP A 12 -2.37 -23.40 -13.05
N VAL A 13 -2.21 -23.16 -14.36
CA VAL A 13 -2.95 -22.14 -15.06
C VAL A 13 -3.76 -22.81 -16.16
N PHE A 14 -5.05 -22.48 -16.20
CA PHE A 14 -6.04 -23.04 -17.10
C PHE A 14 -6.80 -21.91 -17.82
N LYS A 15 -7.35 -22.23 -18.98
CA LYS A 15 -8.10 -21.27 -19.79
C LYS A 15 -9.37 -20.87 -19.06
N PHE A 16 -9.68 -19.58 -19.04
CA PHE A 16 -10.91 -19.04 -18.43
C PHE A 16 -12.05 -19.32 -19.44
N ASN A 17 -12.77 -20.41 -19.22
CA ASN A 17 -13.86 -20.85 -20.11
C ASN A 17 -15.25 -20.93 -19.45
N SER A 18 -15.38 -20.41 -18.22
CA SER A 18 -16.63 -20.51 -17.46
C SER A 18 -16.56 -19.63 -16.21
N PHE A 19 -17.73 -19.12 -15.80
CA PHE A 19 -17.88 -18.48 -14.50
C PHE A 19 -18.51 -19.41 -13.44
N SER A 20 -18.80 -20.67 -13.78
CA SER A 20 -19.48 -21.62 -12.87
C SER A 20 -18.79 -22.97 -12.65
N LYS A 21 -17.90 -23.37 -13.55
CA LYS A 21 -17.19 -24.66 -13.47
C LYS A 21 -15.69 -24.40 -13.64
N PHE A 22 -14.85 -25.00 -12.79
CA PHE A 22 -13.39 -24.83 -12.89
C PHE A 22 -12.88 -25.56 -14.14
N SER A 23 -11.97 -24.92 -14.85
CA SER A 23 -11.53 -25.30 -16.17
C SER A 23 -10.55 -26.46 -16.02
N ASN A 24 -10.60 -27.41 -16.94
CA ASN A 24 -9.59 -28.46 -17.05
C ASN A 24 -8.72 -28.29 -18.34
N ASP A 25 -8.79 -27.10 -18.97
CA ASP A 25 -8.06 -26.79 -20.21
C ASP A 25 -6.73 -26.12 -19.84
N LYS A 26 -5.69 -26.93 -19.69
CA LYS A 26 -4.43 -26.44 -19.12
C LYS A 26 -3.58 -25.63 -20.11
N ILE A 27 -3.10 -24.48 -19.66
CA ILE A 27 -2.26 -23.55 -20.44
C ILE A 27 -0.80 -23.66 -20.00
N GLY A 28 -0.57 -23.69 -18.70
CA GLY A 28 0.80 -23.78 -18.20
C GLY A 28 0.89 -23.80 -16.69
N VAL A 29 2.11 -23.60 -16.19
N VAL A 29 2.09 -23.57 -16.19
CA VAL A 29 2.40 -23.67 -14.76
CA VAL A 29 2.35 -23.61 -14.77
C VAL A 29 3.41 -22.58 -14.41
C VAL A 29 3.41 -22.57 -14.41
N ILE A 30 3.20 -21.92 -13.27
CA ILE A 30 4.13 -20.95 -12.70
C ILE A 30 4.91 -21.62 -11.56
N TYR A 31 6.23 -21.60 -11.65
CA TYR A 31 7.15 -22.14 -10.61
C TYR A 31 8.02 -21.11 -9.87
N ASP A 32 8.10 -19.90 -10.41
CA ASP A 32 9.07 -18.87 -9.93
CA ASP A 32 9.05 -18.90 -9.95
C ASP A 32 8.83 -18.46 -8.50
N GLU A 33 9.83 -18.60 -7.63
CA GLU A 33 9.72 -18.18 -6.20
C GLU A 33 9.29 -16.74 -6.04
N GLU A 34 9.90 -15.83 -6.81
CA GLU A 34 9.53 -14.41 -6.69
C GLU A 34 8.00 -14.23 -6.93
N LYS A 35 7.49 -14.89 -7.99
CA LYS A 35 6.06 -14.83 -8.33
CA LYS A 35 6.06 -14.83 -8.33
C LYS A 35 5.17 -15.51 -7.30
N LEU A 36 5.55 -16.71 -6.88
CA LEU A 36 4.77 -17.48 -5.91
C LEU A 36 4.70 -16.76 -4.54
N SER A 37 5.82 -16.21 -4.10
CA SER A 37 5.88 -15.45 -2.83
CA SER A 37 5.90 -15.44 -2.85
C SER A 37 4.96 -14.23 -2.87
N LYS A 38 4.96 -13.51 -3.98
CA LYS A 38 4.03 -12.38 -4.14
C LYS A 38 2.57 -12.81 -4.11
N PHE A 39 2.25 -13.93 -4.76
CA PHE A 39 0.88 -14.44 -4.74
C PHE A 39 0.45 -14.88 -3.35
N LYS A 40 1.37 -15.53 -2.63
CA LYS A 40 1.14 -15.93 -1.24
C LYS A 40 0.71 -14.77 -0.35
N VAL A 41 1.44 -13.66 -0.45
CA VAL A 41 1.17 -12.44 0.31
C VAL A 41 -0.24 -11.94 0.02
N ILE A 42 -0.61 -11.89 -1.25
CA ILE A 42 -1.99 -11.49 -1.64
C ILE A 42 -3.02 -12.42 -0.97
N MSE A 43 -2.83 -13.73 -1.09
CA MSE A 43 -3.80 -14.70 -0.56
C MSE A 43 -3.96 -14.63 0.94
O MSE A 43 -5.05 -14.81 1.46
CB MSE A 43 -3.46 -16.10 -1.07
CG MSE A 43 -3.62 -16.26 -2.60
SE MSE A 43 -5.48 -15.93 -3.22
CE MSE A 43 -6.28 -17.38 -2.21
N ASN A 44 -2.87 -14.36 1.66
CA ASN A 44 -2.89 -14.18 3.12
C ASN A 44 -3.41 -12.82 3.58
N SER A 45 -3.58 -11.86 2.66
CA SER A 45 -3.96 -10.48 3.03
CA SER A 45 -3.96 -10.50 3.04
C SER A 45 -5.34 -10.08 2.53
N LEU A 46 -6.13 -11.05 2.06
CA LEU A 46 -7.44 -10.73 1.44
C LEU A 46 -8.37 -9.99 2.37
N ASP A 47 -8.34 -10.32 3.67
CA ASP A 47 -9.21 -9.73 4.69
C ASP A 47 -8.53 -8.70 5.61
N THR A 48 -7.23 -8.45 5.40
CA THR A 48 -6.38 -7.66 6.32
C THR A 48 -5.53 -6.58 5.61
N SER A 49 -5.92 -6.15 4.39
CA SER A 49 -5.23 -5.05 3.70
C SER A 49 -6.19 -4.02 3.10
N GLU A 50 -5.76 -2.76 3.08
CA GLU A 50 -6.55 -1.66 2.52
C GLU A 50 -6.76 -1.78 0.99
N GLY A 51 -5.85 -2.47 0.29
CA GLY A 51 -5.92 -2.60 -1.18
C GLY A 51 -6.69 -3.80 -1.70
N ILE A 52 -7.36 -4.54 -0.82
CA ILE A 52 -8.18 -5.70 -1.22
C ILE A 52 -9.51 -5.61 -0.45
N LYS A 53 -10.63 -5.86 -1.14
CA LYS A 53 -11.98 -5.70 -0.56
C LYS A 53 -12.87 -6.88 -0.96
N LYS A 54 -13.57 -7.46 0.02
CA LYS A 54 -14.57 -8.50 -0.24
C LYS A 54 -15.78 -7.88 -0.94
N ILE A 55 -16.25 -8.51 -2.01
CA ILE A 55 -17.37 -7.99 -2.78
C ILE A 55 -18.29 -9.13 -3.16
N GLU A 56 -19.51 -8.81 -3.58
CA GLU A 56 -20.37 -9.85 -4.16
C GLU A 56 -19.74 -10.28 -5.46
N VAL A 57 -19.96 -11.52 -5.87
CA VAL A 57 -19.36 -12.03 -7.10
C VAL A 57 -19.86 -11.13 -8.27
N PRO A 58 -18.94 -10.63 -9.13
CA PRO A 58 -19.42 -9.77 -10.20
C PRO A 58 -20.38 -10.52 -11.15
N LYS A 59 -21.53 -9.90 -11.37
CA LYS A 59 -22.63 -10.41 -12.22
C LYS A 59 -22.45 -10.20 -13.73
N ASP A 60 -21.64 -9.23 -14.13
CA ASP A 60 -21.49 -8.91 -15.56
C ASP A 60 -20.05 -8.59 -15.94
N ALA A 61 -19.12 -9.37 -15.39
CA ALA A 61 -17.71 -9.27 -15.76
C ALA A 61 -17.49 -10.00 -17.08
N ASN A 62 -16.68 -9.39 -17.94
CA ASN A 62 -16.37 -9.89 -19.27
C ASN A 62 -14.84 -10.10 -19.33
N ILE A 63 -14.37 -11.31 -19.71
CA ILE A 63 -12.92 -11.60 -19.76
C ILE A 63 -12.19 -10.66 -20.74
N GLU A 64 -12.89 -10.20 -21.79
CA GLU A 64 -12.34 -9.24 -22.76
C GLU A 64 -11.87 -7.92 -22.17
N SER A 65 -12.43 -7.54 -21.02
CA SER A 65 -12.05 -6.32 -20.33
C SER A 65 -10.68 -6.37 -19.64
N PHE A 66 -10.07 -7.54 -19.51
CA PHE A 66 -8.90 -7.70 -18.67
C PHE A 66 -7.68 -8.07 -19.49
N LYS A 67 -6.50 -7.67 -18.98
CA LYS A 67 -5.22 -8.07 -19.58
C LYS A 67 -5.04 -9.58 -19.56
N TYR A 68 -5.29 -10.21 -18.42
CA TYR A 68 -5.27 -11.66 -18.27
C TYR A 68 -6.54 -12.15 -17.61
N SER A 69 -7.01 -13.30 -18.09
CA SER A 69 -8.13 -14.04 -17.44
CA SER A 69 -8.12 -14.02 -17.46
C SER A 69 -7.76 -15.51 -17.44
N TYR A 70 -7.71 -16.09 -16.24
CA TYR A 70 -7.34 -17.50 -16.06
C TYR A 70 -8.16 -18.14 -14.94
N HIS A 71 -8.25 -19.47 -15.00
CA HIS A 71 -8.62 -20.28 -13.87
C HIS A 71 -7.27 -20.79 -13.34
N ILE A 72 -7.04 -20.67 -12.03
CA ILE A 72 -5.78 -21.02 -11.43
C ILE A 72 -5.95 -21.91 -10.21
N GLN A 73 -4.96 -22.79 -10.03
CA GLN A 73 -4.90 -23.73 -8.90
C GLN A 73 -3.55 -23.51 -8.22
N PRO A 74 -3.50 -22.60 -7.23
CA PRO A 74 -2.27 -22.51 -6.43
C PRO A 74 -2.13 -23.72 -5.56
N ASN A 75 -0.95 -24.34 -5.60
CA ASN A 75 -0.61 -25.54 -4.82
C ASN A 75 0.29 -25.10 -3.70
N LEU A 76 -0.08 -25.42 -2.47
CA LEU A 76 0.49 -24.73 -1.33
C LEU A 76 0.61 -25.59 -0.07
N LYS A 77 1.36 -25.05 0.88
CA LYS A 77 1.41 -25.54 2.27
C LYS A 77 0.85 -24.46 3.16
N TYR A 78 0.04 -24.85 4.17
CA TYR A 78 -0.49 -23.90 5.14
C TYR A 78 -0.41 -24.41 6.55
N VAL A 79 -0.45 -23.48 7.52
CA VAL A 79 -0.41 -23.80 8.93
C VAL A 79 -1.81 -23.63 9.53
N GLU A 80 -2.24 -24.65 10.24
CA GLU A 80 -3.46 -24.62 11.05
C GLU A 80 -3.27 -25.62 12.18
N ASP A 81 -3.62 -25.19 13.39
CA ASP A 81 -3.49 -26.02 14.59
C ASP A 81 -2.08 -26.59 14.77
N ASN A 82 -1.05 -25.75 14.52
CA ASN A 82 0.36 -26.15 14.69
C ASN A 82 0.81 -27.33 13.81
N ASN A 83 0.09 -27.54 12.70
CA ASN A 83 0.43 -28.49 11.67
C ASN A 83 0.63 -27.78 10.35
N VAL A 84 1.50 -28.34 9.53
CA VAL A 84 1.68 -27.90 8.17
C VAL A 84 0.92 -28.90 7.27
N TYR A 85 -0.03 -28.37 6.50
CA TYR A 85 -0.87 -29.15 5.62
C TYR A 85 -0.63 -28.81 4.17
N ASP A 86 -0.83 -29.77 3.28
CA ASP A 86 -0.84 -29.51 1.85
C ASP A 86 -2.25 -29.10 1.50
N GLY A 87 -2.35 -28.13 0.60
CA GLY A 87 -3.65 -27.70 0.10
C GLY A 87 -3.56 -27.01 -1.22
N TYR A 88 -4.69 -26.47 -1.62
CA TYR A 88 -4.83 -25.74 -2.88
C TYR A 88 -6.10 -24.90 -2.83
N PHE A 89 -6.23 -24.02 -3.81
CA PHE A 89 -7.48 -23.33 -4.09
C PHE A 89 -7.81 -23.48 -5.57
N LEU A 90 -9.08 -23.33 -5.90
CA LEU A 90 -9.56 -23.27 -7.29
C LEU A 90 -10.15 -21.88 -7.45
N LEU A 91 -9.47 -21.05 -8.22
CA LEU A 91 -9.81 -19.62 -8.35
C LEU A 91 -10.05 -19.24 -9.79
N TYR A 92 -10.95 -18.29 -10.01
CA TYR A 92 -11.06 -17.56 -11.30
C TYR A 92 -10.37 -16.22 -11.04
N ILE A 93 -9.48 -15.80 -11.93
CA ILE A 93 -8.76 -14.55 -11.75
C ILE A 93 -8.87 -13.68 -13.00
N LEU A 94 -9.17 -12.40 -12.79
CA LEU A 94 -9.35 -11.41 -13.84
C LEU A 94 -8.39 -10.29 -13.46
N VAL A 95 -7.35 -10.08 -14.28
CA VAL A 95 -6.25 -9.16 -13.95
C VAL A 95 -6.20 -7.97 -14.90
N GLY A 96 -6.37 -6.76 -14.33
CA GLY A 96 -6.10 -5.53 -15.05
C GLY A 96 -7.16 -5.12 -16.04
N ASP A 97 -8.26 -4.59 -15.52
CA ASP A 97 -9.26 -3.92 -16.37
C ASP A 97 -8.83 -2.48 -16.72
N SER A 98 -9.69 -1.75 -17.43
CA SER A 98 -9.42 -0.36 -17.81
C SER A 98 -9.31 0.60 -16.62
N GLU A 99 -9.83 0.23 -15.44
CA GLU A 99 -9.64 0.97 -14.20
C GLU A 99 -8.46 0.47 -13.35
N GLY A 100 -7.69 -0.51 -13.84
CA GLY A 100 -6.56 -1.05 -13.15
C GLY A 100 -6.90 -1.97 -12.01
N LYS A 101 -8.14 -2.45 -11.94
CA LYS A 101 -8.58 -3.37 -10.91
C LYS A 101 -8.43 -4.82 -11.35
N SER A 102 -8.37 -5.70 -10.35
CA SER A 102 -8.36 -7.13 -10.58
C SER A 102 -9.35 -7.80 -9.66
N TYR A 103 -9.73 -9.02 -10.01
CA TYR A 103 -10.73 -9.81 -9.24
C TYR A 103 -10.26 -11.22 -9.02
N ILE A 104 -10.54 -11.75 -7.82
CA ILE A 104 -10.32 -13.15 -7.51
C ILE A 104 -11.67 -13.70 -7.06
N ILE A 105 -12.11 -14.79 -7.68
CA ILE A 105 -13.35 -15.48 -7.31
C ILE A 105 -13.01 -16.90 -6.91
N PHE A 106 -13.57 -17.35 -5.80
CA PHE A 106 -13.35 -18.71 -5.32
C PHE A 106 -14.39 -19.60 -5.99
N SER A 107 -13.90 -20.51 -6.83
CA SER A 107 -14.75 -21.42 -7.61
C SER A 107 -15.71 -22.21 -6.72
N GLY A 108 -16.97 -22.28 -7.14
CA GLY A 108 -18.03 -22.98 -6.42
C GLY A 108 -18.57 -22.28 -5.18
N THR A 109 -18.25 -20.99 -5.00
CA THR A 109 -18.71 -20.21 -3.83
C THR A 109 -19.18 -18.82 -4.25
N GLU A 110 -19.70 -18.08 -3.28
CA GLU A 110 -20.01 -16.65 -3.48
C GLU A 110 -18.93 -15.71 -2.90
N LEU A 111 -17.74 -16.26 -2.64
CA LEU A 111 -16.63 -15.48 -2.11
C LEU A 111 -15.81 -14.87 -3.25
N SER A 112 -15.69 -13.54 -3.23
CA SER A 112 -14.89 -12.82 -4.21
C SER A 112 -14.26 -11.56 -3.63
N TYR A 113 -13.16 -11.13 -4.25
CA TYR A 113 -12.42 -9.93 -3.86
C TYR A 113 -12.04 -9.06 -5.06
N VAL A 114 -12.07 -7.75 -4.86
CA VAL A 114 -11.55 -6.78 -5.82
C VAL A 114 -10.22 -6.30 -5.25
N LEU A 115 -9.22 -6.16 -6.12
CA LEU A 115 -7.86 -5.76 -5.75
C LEU A 115 -7.52 -4.44 -6.48
N ASP A 116 -6.84 -3.55 -5.77
CA ASP A 116 -6.50 -2.21 -6.26
C ASP A 116 -5.34 -2.21 -7.28
N LYS A 117 -5.01 -1.03 -7.79
CA LYS A 117 -3.96 -0.90 -8.82
C LYS A 117 -2.60 -1.46 -8.40
N ASN A 118 -2.18 -1.20 -7.15
CA ASN A 118 -0.92 -1.78 -6.63
CA ASN A 118 -0.92 -1.77 -6.62
C ASN A 118 -0.89 -3.30 -6.75
N ASN A 119 -1.96 -3.96 -6.30
CA ASN A 119 -2.09 -5.41 -6.40
C ASN A 119 -2.19 -5.92 -7.84
N THR A 120 -2.89 -5.17 -8.68
CA THR A 120 -2.96 -5.49 -10.10
C THR A 120 -1.58 -5.48 -10.74
N ASN A 121 -0.77 -4.49 -10.41
CA ASN A 121 0.62 -4.43 -10.91
C ASN A 121 1.42 -5.68 -10.50
N ILE A 122 1.24 -6.09 -9.26
CA ILE A 122 1.86 -7.33 -8.76
C ILE A 122 1.34 -8.56 -9.52
N LEU A 123 0.02 -8.64 -9.72
CA LEU A 123 -0.56 -9.75 -10.49
C LEU A 123 -0.07 -9.79 -11.93
N LYS A 124 0.10 -8.63 -12.55
CA LYS A 124 0.70 -8.55 -13.89
C LYS A 124 2.12 -9.12 -13.95
N GLU A 125 2.92 -8.90 -12.89
CA GLU A 125 4.27 -9.50 -12.80
CA GLU A 125 4.27 -9.50 -12.80
C GLU A 125 4.15 -11.01 -12.69
N ILE A 126 3.22 -11.48 -11.86
CA ILE A 126 3.02 -12.93 -11.60
C ILE A 126 2.57 -13.67 -12.87
N PHE A 127 1.65 -13.08 -13.62
CA PHE A 127 1.04 -13.73 -14.81
C PHE A 127 1.63 -13.35 -16.15
N LEU A 128 2.77 -12.65 -16.16
CA LEU A 128 3.48 -12.33 -17.41
C LEU A 128 4.04 -13.63 -18.02
N ASN A 129 3.78 -13.86 -19.31
CA ASN A 129 4.36 -15.01 -20.07
C ASN A 129 4.22 -16.39 -19.41
N VAL A 130 2.98 -16.74 -19.07
CA VAL A 130 2.67 -18.11 -18.61
C VAL A 130 3.04 -19.12 -19.75
N LYS A 131 3.81 -20.15 -19.40
CA LYS A 131 4.26 -21.19 -20.36
C LYS A 131 3.81 -22.57 -19.88
N MSE B 3 13.30 -20.79 7.56
CA MSE B 3 12.44 -20.27 8.67
C MSE B 3 11.56 -19.13 8.20
O MSE B 3 12.06 -18.04 7.92
CB MSE B 3 13.28 -19.83 9.85
CG MSE B 3 14.09 -20.96 10.45
SE MSE B 3 14.98 -20.34 12.10
CE MSE B 3 14.49 -18.42 12.29
N GLU B 4 10.26 -19.37 8.11
CA GLU B 4 9.25 -18.37 7.65
C GLU B 4 8.21 -18.16 8.75
N ILE B 5 7.88 -16.88 9.08
CA ILE B 5 6.83 -16.56 10.05
C ILE B 5 5.50 -16.89 9.42
N SER B 6 4.74 -17.75 10.08
CA SER B 6 3.41 -18.14 9.59
C SER B 6 2.33 -17.28 10.20
N SER B 7 2.49 -16.88 11.47
CA SER B 7 1.49 -16.05 12.15
C SER B 7 2.09 -15.34 13.35
N LEU B 8 1.47 -14.22 13.74
CA LEU B 8 1.75 -13.55 15.02
C LEU B 8 0.52 -13.63 15.88
N SER B 9 0.70 -13.92 17.16
CA SER B 9 -0.41 -13.98 18.12
C SER B 9 -0.57 -12.66 18.85
N SER B 10 0.54 -11.95 19.07
CA SER B 10 0.51 -10.63 19.72
C SER B 10 1.85 -9.93 19.55
N ILE B 11 1.86 -8.63 19.87
CA ILE B 11 3.10 -7.88 20.01
C ILE B 11 3.06 -7.16 21.36
N ASP B 12 3.96 -7.52 22.27
CA ASP B 12 4.12 -6.80 23.54
C ASP B 12 4.90 -5.52 23.26
N VAL B 13 4.46 -4.41 23.85
CA VAL B 13 5.01 -3.09 23.59
C VAL B 13 5.53 -2.50 24.90
N PHE B 14 6.76 -2.02 24.85
CA PHE B 14 7.51 -1.49 26.00
C PHE B 14 8.08 -0.11 25.68
N LYS B 15 8.32 0.68 26.72
CA LYS B 15 8.89 2.00 26.56
C LYS B 15 10.32 1.91 26.05
N PHE B 16 10.64 2.72 25.05
CA PHE B 16 11.99 2.75 24.48
C PHE B 16 12.87 3.51 25.46
N ASN B 17 13.60 2.82 26.32
CA ASN B 17 14.44 3.47 27.37
C ASN B 17 15.94 3.13 27.27
N SER B 18 16.34 2.48 26.18
CA SER B 18 17.71 2.02 25.99
C SER B 18 17.93 1.61 24.55
N PHE B 19 19.17 1.79 24.07
CA PHE B 19 19.59 1.25 22.76
C PHE B 19 20.39 -0.06 22.91
N SER B 20 20.56 -0.57 24.13
CA SER B 20 21.40 -1.74 24.40
C SER B 20 20.74 -2.88 25.18
N LYS B 21 19.70 -2.58 25.95
CA LYS B 21 19.03 -3.52 26.82
C LYS B 21 17.53 -3.47 26.52
N PHE B 22 16.91 -4.62 26.27
CA PHE B 22 15.47 -4.67 25.99
C PHE B 22 14.66 -4.26 27.25
N SER B 23 13.66 -3.44 27.04
CA SER B 23 12.97 -2.70 28.08
C SER B 23 12.03 -3.63 28.80
N ASN B 24 11.89 -3.41 30.12
CA ASN B 24 10.91 -4.09 30.97
C ASN B 24 9.82 -3.15 31.47
N ASP B 25 9.72 -1.97 30.85
CA ASP B 25 8.70 -0.95 31.21
C ASP B 25 7.54 -1.12 30.23
N LYS B 26 6.58 -1.96 30.59
CA LYS B 26 5.53 -2.37 29.64
C LYS B 26 4.48 -1.29 29.46
N ILE B 27 4.13 -1.03 28.21
CA ILE B 27 3.10 -0.05 27.83
C ILE B 27 1.79 -0.73 27.46
N GLY B 28 1.85 -1.78 26.67
CA GLY B 28 0.63 -2.46 26.25
C GLY B 28 0.90 -3.63 25.35
N VAL B 29 -0.15 -4.11 24.69
N VAL B 29 -0.17 -4.17 24.75
CA VAL B 29 -0.08 -5.26 23.81
CA VAL B 29 -0.10 -5.31 23.85
C VAL B 29 -1.00 -5.03 22.64
C VAL B 29 -1.02 -5.08 22.65
N ILE B 30 -0.53 -5.42 21.45
CA ILE B 30 -1.29 -5.37 20.21
C ILE B 30 -1.80 -6.78 19.92
N TYR B 31 -3.11 -6.92 19.83
CA TYR B 31 -3.80 -8.20 19.52
CA TYR B 31 -3.74 -8.22 19.52
C TYR B 31 -4.59 -8.19 18.23
N ASP B 32 -4.78 -7.01 17.63
CA ASP B 32 -5.66 -6.86 16.48
C ASP B 32 -5.16 -7.67 15.27
N GLU B 33 -6.01 -8.55 14.75
CA GLU B 33 -5.63 -9.44 13.62
C GLU B 33 -5.03 -8.71 12.41
N GLU B 34 -5.67 -7.61 12.01
CA GLU B 34 -5.20 -6.82 10.88
C GLU B 34 -3.83 -6.16 11.12
N LYS B 35 -3.60 -5.61 12.32
CA LYS B 35 -2.30 -5.01 12.64
C LYS B 35 -1.19 -6.07 12.67
N LEU B 36 -1.51 -7.23 13.26
CA LEU B 36 -0.56 -8.35 13.33
C LEU B 36 -0.20 -8.88 11.94
N SER B 37 -1.21 -9.02 11.09
CA SER B 37 -1.01 -9.46 9.69
C SER B 37 -0.09 -8.49 8.92
N LYS B 38 -0.34 -7.19 9.06
CA LYS B 38 0.52 -6.18 8.43
C LYS B 38 1.98 -6.23 8.94
N PHE B 39 2.16 -6.43 10.24
CA PHE B 39 3.53 -6.54 10.80
C PHE B 39 4.24 -7.83 10.35
N LYS B 40 3.48 -8.92 10.24
CA LYS B 40 4.03 -10.19 9.71
C LYS B 40 4.64 -9.98 8.32
N VAL B 41 3.88 -9.32 7.46
CA VAL B 41 4.28 -9.11 6.08
C VAL B 41 5.61 -8.34 6.02
N ILE B 42 5.72 -7.28 6.83
CA ILE B 42 7.00 -6.52 6.94
C ILE B 42 8.14 -7.43 7.40
N MSE B 43 7.91 -8.18 8.48
CA MSE B 43 8.95 -9.05 9.07
C MSE B 43 9.42 -10.11 8.08
O MSE B 43 10.61 -10.43 8.04
CB MSE B 43 8.54 -9.67 10.40
CG MSE B 43 8.34 -8.64 11.51
SE MSE B 43 9.98 -7.63 11.93
CE MSE B 43 11.05 -9.18 12.50
N ASN B 44 8.50 -10.67 7.29
CA ASN B 44 8.86 -11.66 6.25
C ASN B 44 9.48 -11.07 4.97
N SER B 45 9.48 -9.74 4.84
CA SER B 45 9.98 -9.09 3.64
C SER B 45 11.22 -8.23 3.89
N LEU B 46 11.86 -8.36 5.05
CA LEU B 46 13.03 -7.54 5.39
C LEU B 46 14.19 -7.66 4.40
N ASP B 47 14.43 -8.87 3.88
CA ASP B 47 15.54 -9.13 2.93
C ASP B 47 15.14 -9.23 1.47
N THR B 48 13.84 -9.08 1.17
CA THR B 48 13.31 -9.29 -0.19
C THR B 48 12.45 -8.16 -0.73
N SER B 49 12.44 -6.99 -0.08
CA SER B 49 11.60 -5.87 -0.51
C SER B 49 12.48 -4.73 -1.01
N GLU B 50 12.06 -4.08 -2.10
CA GLU B 50 12.72 -2.85 -2.58
C GLU B 50 12.59 -1.67 -1.60
N GLY B 51 11.59 -1.70 -0.72
CA GLY B 51 11.36 -0.64 0.28
C GLY B 51 12.01 -0.85 1.64
N ILE B 52 12.83 -1.90 1.78
CA ILE B 52 13.50 -2.22 3.06
C ILE B 52 14.96 -2.49 2.70
N LYS B 53 15.88 -1.99 3.52
CA LYS B 53 17.33 -2.17 3.28
C LYS B 53 18.03 -2.49 4.58
N LYS B 54 18.86 -3.54 4.56
CA LYS B 54 19.77 -3.84 5.69
C LYS B 54 20.83 -2.74 5.79
N ILE B 55 21.04 -2.24 7.00
CA ILE B 55 21.95 -1.10 7.23
C ILE B 55 22.70 -1.30 8.53
N GLU B 56 23.73 -0.50 8.73
CA GLU B 56 24.41 -0.53 10.02
C GLU B 56 23.46 0.11 11.06
N VAL B 57 23.62 -0.25 12.32
CA VAL B 57 22.76 0.28 13.38
C VAL B 57 22.96 1.83 13.42
N PRO B 58 21.88 2.61 13.39
CA PRO B 58 22.00 4.06 13.49
C PRO B 58 22.31 4.43 14.96
N LYS B 59 23.59 4.44 15.32
CA LYS B 59 24.02 4.56 16.73
C LYS B 59 23.68 5.92 17.34
N ASP B 60 23.50 6.95 16.51
CA ASP B 60 23.19 8.31 16.99
C ASP B 60 21.70 8.67 16.87
N ALA B 61 20.87 7.67 16.57
CA ALA B 61 19.44 7.89 16.48
C ALA B 61 18.96 8.21 17.87
N ASN B 62 17.92 9.01 17.93
CA ASN B 62 17.21 9.21 19.17
C ASN B 62 15.72 9.23 18.94
N ILE B 63 15.07 8.93 20.04
CA ILE B 63 13.65 8.66 19.99
C ILE B 63 12.79 9.89 19.69
N GLU B 64 13.25 11.08 20.09
CA GLU B 64 12.51 12.30 19.86
C GLU B 64 12.35 12.64 18.38
N SER B 65 13.20 12.07 17.52
CA SER B 65 13.15 12.29 16.07
C SER B 65 12.05 11.51 15.36
N PHE B 66 11.33 10.64 16.06
CA PHE B 66 10.36 9.72 15.47
C PHE B 66 8.96 9.90 16.06
N LYS B 67 7.94 9.60 15.25
CA LYS B 67 6.55 9.61 15.72
C LYS B 67 6.33 8.61 16.84
N TYR B 68 6.79 7.37 16.65
CA TYR B 68 6.71 6.32 17.67
C TYR B 68 8.05 5.68 17.86
N SER B 69 8.37 5.42 19.12
CA SER B 69 9.58 4.65 19.47
CA SER B 69 9.56 4.67 19.48
C SER B 69 9.18 3.67 20.57
N TYR B 70 9.40 2.40 20.29
CA TYR B 70 9.07 1.32 21.23
C TYR B 70 10.09 0.20 21.18
N HIS B 71 10.15 -0.55 22.28
CA HIS B 71 10.75 -1.88 22.26
C HIS B 71 9.57 -2.81 22.16
N ILE B 72 9.66 -3.77 21.23
CA ILE B 72 8.57 -4.66 20.94
C ILE B 72 9.01 -6.12 20.89
N GLN B 73 8.07 -6.98 21.30
CA GLN B 73 8.26 -8.43 21.32
C GLN B 73 7.10 -9.03 20.54
N PRO B 74 7.29 -9.25 19.22
CA PRO B 74 6.30 -10.01 18.47
C PRO B 74 6.38 -11.48 18.87
N ASN B 75 5.23 -12.05 19.22
CA ASN B 75 5.09 -13.43 19.59
C ASN B 75 4.49 -14.15 18.41
N LEU B 76 5.17 -15.19 17.94
CA LEU B 76 4.89 -15.73 16.64
C LEU B 76 5.03 -17.23 16.53
N LYS B 77 4.55 -17.73 15.41
CA LYS B 77 4.79 -19.12 14.98
C LYS B 77 5.55 -19.07 13.69
N TYR B 78 6.48 -20.01 13.51
CA TYR B 78 7.20 -20.16 12.26
C TYR B 78 7.34 -21.60 11.82
N VAL B 79 7.58 -21.77 10.52
CA VAL B 79 7.70 -23.08 9.91
C VAL B 79 9.17 -23.33 9.60
N GLU B 80 9.64 -24.51 9.96
CA GLU B 80 10.97 -25.01 9.61
C GLU B 80 10.92 -26.52 9.52
N ASP B 81 11.46 -27.08 8.44
CA ASP B 81 11.45 -28.49 8.19
C ASP B 81 10.03 -29.12 8.26
N ASN B 82 9.04 -28.40 7.70
CA ASN B 82 7.63 -28.86 7.69
C ASN B 82 6.97 -29.03 9.07
N ASN B 83 7.56 -28.39 10.06
CA ASN B 83 7.07 -28.32 11.45
C ASN B 83 6.79 -26.90 11.89
N VAL B 84 5.86 -26.73 12.83
CA VAL B 84 5.51 -25.42 13.36
C VAL B 84 6.19 -25.25 14.73
N TYR B 85 6.83 -24.10 14.93
CA TYR B 85 7.44 -23.72 16.20
C TYR B 85 6.96 -22.37 16.72
N ASP B 86 6.94 -22.22 18.04
CA ASP B 86 6.68 -20.97 18.69
C ASP B 86 7.99 -20.24 18.89
N GLY B 87 7.95 -18.93 18.72
CA GLY B 87 9.13 -18.09 18.88
C GLY B 87 8.75 -16.65 19.17
N TYR B 88 9.78 -15.81 19.17
CA TYR B 88 9.61 -14.37 19.32
C TYR B 88 10.87 -13.66 18.87
N PHE B 89 10.73 -12.35 18.69
CA PHE B 89 11.87 -11.45 18.48
C PHE B 89 11.83 -10.38 19.54
N LEU B 90 12.99 -9.82 19.84
CA LEU B 90 13.13 -8.64 20.70
C LEU B 90 13.69 -7.55 19.78
N LEU B 91 12.86 -6.53 19.51
CA LEU B 91 13.19 -5.48 18.55
C LEU B 91 13.11 -4.11 19.20
N TYR B 92 13.93 -3.19 18.69
CA TYR B 92 13.74 -1.75 18.91
C TYR B 92 13.16 -1.21 17.62
N ILE B 93 12.10 -0.41 17.72
CA ILE B 93 11.47 0.15 16.51
C ILE B 93 11.35 1.66 16.63
N LEU B 94 11.77 2.35 15.55
CA LEU B 94 11.73 3.81 15.46
C LEU B 94 10.92 4.12 14.21
N VAL B 95 9.72 4.68 14.39
CA VAL B 95 8.75 4.83 13.31
C VAL B 95 8.56 6.30 12.94
N GLY B 96 8.85 6.65 11.68
CA GLY B 96 8.50 7.94 11.14
C GLY B 96 9.35 9.11 11.58
N ASP B 97 10.53 9.21 10.97
CA ASP B 97 11.37 10.41 11.12
C ASP B 97 10.88 11.52 10.19
N SER B 98 11.61 12.64 10.18
CA SER B 98 11.27 13.78 9.32
C SER B 98 11.33 13.47 7.81
N GLU B 99 12.07 12.44 7.41
CA GLU B 99 12.08 11.97 6.02
C GLU B 99 11.07 10.87 5.73
N GLY B 100 10.24 10.50 6.71
CA GLY B 100 9.24 9.47 6.55
C GLY B 100 9.81 8.04 6.62
N LYS B 101 11.05 7.89 7.10
CA LYS B 101 11.71 6.57 7.25
C LYS B 101 11.48 5.97 8.63
N SER B 102 11.65 4.66 8.72
CA SER B 102 11.58 3.93 9.96
C SER B 102 12.75 2.97 10.07
N TYR B 103 13.02 2.53 11.30
CA TYR B 103 14.10 1.59 11.60
C TYR B 103 13.62 0.45 12.49
N ILE B 104 14.12 -0.75 12.20
CA ILE B 104 13.94 -1.92 13.05
C ILE B 104 15.34 -2.44 13.42
N ILE B 105 15.63 -2.58 14.71
CA ILE B 105 16.91 -3.07 15.20
C ILE B 105 16.65 -4.33 16.01
N PHE B 106 17.44 -5.37 15.78
CA PHE B 106 17.28 -6.63 16.51
C PHE B 106 18.10 -6.50 17.80
N SER B 107 17.42 -6.50 18.94
CA SER B 107 18.01 -6.31 20.28
C SER B 107 19.11 -7.34 20.52
N GLY B 108 20.23 -6.89 21.08
CA GLY B 108 21.37 -7.73 21.36
C GLY B 108 22.21 -8.08 20.14
N THR B 109 21.98 -7.37 19.02
CA THR B 109 22.71 -7.55 17.78
C THR B 109 22.95 -6.21 17.06
N GLU B 110 23.78 -6.28 16.02
CA GLU B 110 23.96 -5.14 15.11
C GLU B 110 23.19 -5.29 13.77
N LEU B 111 22.16 -6.16 13.76
CA LEU B 111 21.30 -6.36 12.61
C LEU B 111 20.22 -5.29 12.67
N SER B 112 20.15 -4.46 11.61
CA SER B 112 19.11 -3.43 11.52
CA SER B 112 19.16 -3.39 11.52
CA SER B 112 19.19 -3.39 11.51
C SER B 112 18.69 -3.18 10.08
N TYR B 113 17.47 -2.63 9.95
CA TYR B 113 16.86 -2.32 8.65
C TYR B 113 16.25 -0.92 8.66
N VAL B 114 16.38 -0.23 7.53
CA VAL B 114 15.69 1.03 7.30
C VAL B 114 14.52 0.72 6.35
N LEU B 115 13.37 1.32 6.62
CA LEU B 115 12.13 1.10 5.86
C LEU B 115 11.68 2.42 5.24
N ASP B 116 11.18 2.35 3.99
CA ASP B 116 10.74 3.51 3.23
C ASP B 116 9.39 4.09 3.69
N LYS B 117 8.96 5.16 3.02
CA LYS B 117 7.69 5.83 3.39
C LYS B 117 6.46 4.92 3.37
N ASN B 118 6.33 4.06 2.34
CA ASN B 118 5.22 3.06 2.25
C ASN B 118 5.12 2.18 3.50
N ASN B 119 6.25 1.60 3.89
CA ASN B 119 6.33 0.80 5.10
C ASN B 119 6.11 1.58 6.39
N THR B 120 6.63 2.79 6.45
CA THR B 120 6.39 3.68 7.59
C THR B 120 4.90 3.95 7.77
N ASN B 121 4.18 4.17 6.69
CA ASN B 121 2.74 4.42 6.74
C ASN B 121 2.00 3.22 7.36
N ILE B 122 2.43 2.01 6.97
CA ILE B 122 1.87 0.77 7.54
C ILE B 122 2.22 0.66 9.04
N LEU B 123 3.47 0.94 9.40
CA LEU B 123 3.90 0.92 10.80
C LEU B 123 3.13 1.90 11.67
N LYS B 124 2.86 3.09 11.11
CA LYS B 124 1.99 4.08 11.78
C LYS B 124 0.59 3.56 12.07
N GLU B 125 0.03 2.76 11.13
CA GLU B 125 -1.27 2.10 11.35
C GLU B 125 -1.19 1.07 12.48
N ILE B 126 -0.14 0.27 12.47
CA ILE B 126 0.05 -0.81 13.46
C ILE B 126 0.23 -0.26 14.89
N PHE B 127 1.02 0.80 15.01
CA PHE B 127 1.38 1.37 16.31
C PHE B 127 0.53 2.59 16.74
N LEU B 128 -0.57 2.85 16.03
CA LEU B 128 -1.52 3.91 16.42
C LEU B 128 -2.22 3.51 17.74
N ASN B 129 -2.25 4.40 18.72
CA ASN B 129 -3.01 4.19 19.97
CA ASN B 129 -2.99 4.21 19.99
C ASN B 129 -2.75 2.85 20.67
N VAL B 130 -1.48 2.53 20.91
CA VAL B 130 -1.13 1.37 21.74
C VAL B 130 -1.59 1.74 23.14
N LYS B 131 -2.41 0.88 23.74
CA LYS B 131 -2.99 1.19 25.05
C LYS B 131 -2.73 0.04 26.02
N LYS B 132 -2.69 0.40 27.29
CA LYS B 132 -2.66 -0.53 28.41
C LYS B 132 -4.13 -0.77 28.78
N GLN B 133 -4.50 -2.04 29.02
CA GLN B 133 -5.79 -2.35 29.63
C GLN B 133 -5.66 -1.94 31.10
N GLN B 134 -6.22 -0.77 31.42
CA GLN B 134 -6.21 -0.25 32.79
C GLN B 134 -7.39 0.67 33.05
N MSE C 3 3.35 18.04 -25.05
CA MSE C 3 3.82 17.91 -23.62
C MSE C 3 2.61 17.88 -22.73
O MSE C 3 2.01 18.93 -22.47
CB MSE C 3 4.82 19.04 -23.26
CG MSE C 3 6.07 18.43 -22.65
SE MSE C 3 7.35 19.84 -22.14
CE MSE C 3 6.49 21.56 -22.55
N GLU C 4 2.20 16.69 -22.26
CA GLU C 4 0.88 16.56 -21.62
C GLU C 4 0.79 15.38 -20.74
N ILE C 5 -0.08 15.50 -19.74
CA ILE C 5 -0.44 14.33 -18.94
C ILE C 5 -1.39 13.48 -19.79
N SER C 6 -1.04 12.20 -19.97
CA SER C 6 -1.84 11.26 -20.75
CA SER C 6 -1.83 11.25 -20.75
C SER C 6 -2.82 10.51 -19.84
N SER C 7 -2.38 10.20 -18.62
CA SER C 7 -3.22 9.52 -17.64
C SER C 7 -2.65 9.73 -16.24
N LEU C 8 -3.54 9.65 -15.25
CA LEU C 8 -3.14 9.61 -13.85
C LEU C 8 -3.45 8.21 -13.40
N SER C 9 -2.52 7.58 -12.70
CA SER C 9 -2.76 6.24 -12.16
C SER C 9 -3.32 6.34 -10.74
N SER C 10 -2.90 7.36 -9.98
CA SER C 10 -3.42 7.59 -8.62
C SER C 10 -3.05 8.98 -8.14
N ILE C 11 -3.69 9.39 -7.06
CA ILE C 11 -3.24 10.55 -6.29
C ILE C 11 -3.04 10.14 -4.84
N ASP C 12 -1.82 10.19 -4.34
CA ASP C 12 -1.57 10.00 -2.92
C ASP C 12 -1.95 11.27 -2.17
N VAL C 13 -2.64 11.11 -1.05
CA VAL C 13 -3.18 12.24 -0.28
C VAL C 13 -2.59 12.22 1.12
N PHE C 14 -2.07 13.37 1.54
CA PHE C 14 -1.37 13.56 2.79
C PHE C 14 -1.92 14.75 3.56
N LYS C 15 -1.75 14.75 4.87
CA LYS C 15 -2.24 15.82 5.74
C LYS C 15 -1.48 17.13 5.45
N PHE C 16 -2.20 18.25 5.32
CA PHE C 16 -1.59 19.56 5.08
C PHE C 16 -1.01 20.03 6.40
N ASN C 17 0.29 19.81 6.58
CA ASN C 17 0.98 20.15 7.84
C ASN C 17 2.16 21.13 7.69
N SER C 18 2.29 21.75 6.51
CA SER C 18 3.38 22.69 6.23
C SER C 18 3.11 23.44 4.94
N PHE C 19 3.61 24.67 4.85
CA PHE C 19 3.65 25.44 3.58
C PHE C 19 5.04 25.39 2.91
N SER C 20 5.99 24.67 3.50
CA SER C 20 7.37 24.64 2.98
C SER C 20 7.98 23.25 2.72
N LYS C 21 7.42 22.21 3.34
CA LYS C 21 7.91 20.84 3.23
C LYS C 21 6.74 19.93 2.89
N PHE C 22 6.92 19.06 1.89
CA PHE C 22 5.86 18.14 1.49
C PHE C 22 5.64 17.07 2.58
N SER C 23 4.38 16.78 2.87
CA SER C 23 3.94 16.02 4.03
C SER C 23 4.19 14.55 3.78
N ASN C 24 4.55 13.83 4.85
CA ASN C 24 4.65 12.35 4.85
C ASN C 24 3.53 11.69 5.67
N ASP C 25 2.51 12.46 6.07
CA ASP C 25 1.38 11.99 6.88
C ASP C 25 0.29 11.54 5.95
N LYS C 26 0.31 10.26 5.58
CA LYS C 26 -0.58 9.77 4.55
C LYS C 26 -2.00 9.55 5.07
N ILE C 27 -2.98 10.08 4.34
CA ILE C 27 -4.41 9.97 4.65
C ILE C 27 -5.06 8.91 3.76
N GLY C 28 -4.72 8.87 2.49
CA GLY C 28 -5.29 7.89 1.59
C GLY C 28 -4.81 8.04 0.17
N VAL C 29 -5.49 7.33 -0.72
CA VAL C 29 -5.11 7.31 -2.13
C VAL C 29 -6.37 7.33 -2.93
N ILE C 30 -6.39 8.14 -4.00
CA ILE C 30 -7.50 8.22 -4.91
C ILE C 30 -7.12 7.37 -6.12
N TYR C 31 -7.94 6.34 -6.38
CA TYR C 31 -7.76 5.44 -7.53
C TYR C 31 -8.90 5.55 -8.57
N ASP C 32 -9.99 6.26 -8.24
CA ASP C 32 -11.21 6.29 -9.03
C ASP C 32 -10.98 6.90 -10.39
N GLU C 33 -11.29 6.12 -11.42
CA GLU C 33 -11.09 6.52 -12.82
C GLU C 33 -11.70 7.90 -13.16
N GLU C 34 -12.93 8.12 -12.71
CA GLU C 34 -13.62 9.40 -12.96
C GLU C 34 -12.98 10.57 -12.24
N LYS C 35 -12.60 10.39 -10.97
CA LYS C 35 -11.92 11.46 -10.20
C LYS C 35 -10.57 11.81 -10.84
N LEU C 36 -9.83 10.77 -11.24
CA LEU C 36 -8.52 10.95 -11.85
C LEU C 36 -8.62 11.66 -13.19
N SER C 37 -9.60 11.29 -14.02
CA SER C 37 -9.86 11.94 -15.31
C SER C 37 -10.17 13.43 -15.11
N LYS C 38 -11.02 13.76 -14.13
CA LYS C 38 -11.32 15.15 -13.82
C LYS C 38 -10.09 15.94 -13.37
N PHE C 39 -9.26 15.34 -12.53
CA PHE C 39 -8.03 16.00 -12.06
C PHE C 39 -7.05 16.21 -13.22
N LYS C 40 -6.97 15.20 -14.10
CA LYS C 40 -6.11 15.31 -15.31
C LYS C 40 -6.47 16.54 -16.14
N VAL C 41 -7.78 16.73 -16.36
CA VAL C 41 -8.29 17.84 -17.18
C VAL C 41 -7.84 19.19 -16.57
N ILE C 42 -7.97 19.31 -15.25
CA ILE C 42 -7.49 20.53 -14.54
C ILE C 42 -6.00 20.71 -14.78
N MSE C 43 -5.21 19.66 -14.54
CA MSE C 43 -3.74 19.75 -14.64
C MSE C 43 -3.27 20.10 -16.04
O MSE C 43 -2.30 20.85 -16.18
CB MSE C 43 -3.07 18.49 -14.09
CG MSE C 43 -3.28 18.26 -12.60
SE MSE C 43 -2.47 19.67 -11.51
CE MSE C 43 -0.62 19.55 -11.95
N ASN C 44 -3.96 19.61 -17.06
CA ASN C 44 -3.66 19.95 -18.48
C ASN C 44 -4.20 21.30 -18.97
N SER C 45 -4.98 22.00 -18.15
CA SER C 45 -5.57 23.28 -18.52
C SER C 45 -5.11 24.47 -17.65
N LEU C 46 -4.06 24.30 -16.86
CA LEU C 46 -3.62 25.33 -15.89
C LEU C 46 -3.27 26.66 -16.56
N ASP C 47 -2.68 26.62 -17.76
CA ASP C 47 -2.23 27.80 -18.49
C ASP C 47 -3.13 28.22 -19.66
N THR C 48 -4.24 27.52 -19.87
CA THR C 48 -5.09 27.72 -21.06
C THR C 48 -6.58 27.88 -20.76
N SER C 49 -6.95 28.16 -19.51
CA SER C 49 -8.35 28.18 -19.09
CA SER C 49 -8.36 28.22 -19.07
C SER C 49 -8.71 29.57 -18.54
N GLU C 50 -9.94 30.03 -18.85
CA GLU C 50 -10.48 31.25 -18.24
C GLU C 50 -10.68 31.12 -16.73
N GLY C 51 -10.89 29.89 -16.26
CA GLY C 51 -11.14 29.59 -14.86
C GLY C 51 -9.93 29.28 -13.99
N ILE C 52 -8.73 29.35 -14.55
CA ILE C 52 -7.48 29.09 -13.79
C ILE C 52 -6.46 30.16 -14.14
N LYS C 53 -5.79 30.69 -13.12
CA LYS C 53 -4.85 31.80 -13.29
C LYS C 53 -3.57 31.59 -12.51
N LYS C 54 -2.43 31.81 -13.16
CA LYS C 54 -1.12 31.74 -12.49
C LYS C 54 -0.95 32.99 -11.61
N ILE C 55 -0.55 32.77 -10.37
CA ILE C 55 -0.46 33.83 -9.38
C ILE C 55 0.80 33.66 -8.57
N GLU C 56 1.19 34.69 -7.85
CA GLU C 56 2.27 34.53 -6.89
C GLU C 56 1.73 33.68 -5.74
N VAL C 57 2.61 32.96 -5.07
CA VAL C 57 2.19 32.05 -3.99
C VAL C 57 1.46 32.90 -2.91
N PRO C 58 0.25 32.48 -2.46
CA PRO C 58 -0.44 33.24 -1.39
C PRO C 58 0.22 33.08 -0.02
N LYS C 59 0.77 34.19 0.49
CA LYS C 59 1.62 34.19 1.69
C LYS C 59 0.90 33.94 3.01
N ASP C 60 -0.31 34.51 3.15
CA ASP C 60 -1.13 34.39 4.37
C ASP C 60 -2.39 33.58 4.18
N ALA C 61 -2.30 32.48 3.43
CA ALA C 61 -3.38 31.50 3.32
C ALA C 61 -3.40 30.63 4.60
N ASN C 62 -4.60 30.36 5.11
CA ASN C 62 -4.85 29.57 6.33
C ASN C 62 -5.68 28.36 5.96
N ILE C 63 -5.26 27.14 6.34
CA ILE C 63 -6.00 25.92 5.95
C ILE C 63 -7.43 25.86 6.46
N GLU C 64 -7.69 26.44 7.64
CA GLU C 64 -9.04 26.41 8.21
C GLU C 64 -10.04 27.29 7.41
N SER C 65 -9.56 28.16 6.50
CA SER C 65 -10.42 28.90 5.56
C SER C 65 -10.98 28.06 4.40
N PHE C 66 -10.57 26.80 4.25
CA PHE C 66 -10.94 25.98 3.10
C PHE C 66 -11.70 24.75 3.54
N LYS C 67 -12.58 24.27 2.66
CA LYS C 67 -13.28 23.00 2.89
C LYS C 67 -12.32 21.81 3.04
N TYR C 68 -11.37 21.70 2.12
CA TYR C 68 -10.32 20.69 2.18
C TYR C 68 -8.96 21.35 2.01
N SER C 69 -7.98 20.83 2.73
CA SER C 69 -6.58 21.21 2.57
CA SER C 69 -6.58 21.22 2.58
C SER C 69 -5.75 19.93 2.62
N TYR C 70 -4.99 19.68 1.55
CA TYR C 70 -4.16 18.46 1.46
C TYR C 70 -2.82 18.75 0.78
N HIS C 71 -1.85 17.89 1.06
CA HIS C 71 -0.68 17.76 0.20
C HIS C 71 -0.95 16.53 -0.65
N ILE C 72 -0.76 16.66 -1.95
CA ILE C 72 -1.09 15.56 -2.87
C ILE C 72 0.06 15.28 -3.82
N GLN C 73 0.17 14.01 -4.20
CA GLN C 73 1.14 13.51 -5.15
C GLN C 73 0.36 12.77 -6.25
N PRO C 74 -0.01 13.50 -7.33
CA PRO C 74 -0.55 12.80 -8.49
C PRO C 74 0.56 12.01 -9.18
N ASN C 75 0.28 10.74 -9.43
CA ASN C 75 1.17 9.81 -10.10
C ASN C 75 0.62 9.66 -11.49
N LEU C 76 1.47 9.87 -12.46
CA LEU C 76 0.99 10.04 -13.79
C LEU C 76 1.89 9.50 -14.84
N LYS C 77 1.30 9.42 -16.03
CA LYS C 77 2.00 9.11 -17.23
CA LYS C 77 2.01 9.11 -17.23
C LYS C 77 1.89 10.35 -18.10
N TYR C 78 2.99 10.75 -18.73
CA TYR C 78 2.94 11.91 -19.62
C TYR C 78 3.62 11.58 -20.89
N VAL C 79 3.22 12.32 -21.92
CA VAL C 79 3.70 12.11 -23.25
CA VAL C 79 3.69 12.12 -23.26
C VAL C 79 4.65 13.25 -23.59
N GLU C 80 5.80 12.90 -24.10
CA GLU C 80 6.75 13.84 -24.59
C GLU C 80 7.48 13.19 -25.74
N ASP C 81 7.42 13.82 -26.92
CA ASP C 81 8.11 13.34 -28.09
C ASP C 81 7.85 11.89 -28.45
N ASN C 82 6.56 11.58 -28.41
CA ASN C 82 6.02 10.27 -28.79
C ASN C 82 6.41 9.11 -27.87
N ASN C 83 6.84 9.43 -26.66
CA ASN C 83 7.14 8.46 -25.61
C ASN C 83 6.31 8.72 -24.38
N VAL C 84 5.95 7.64 -23.70
CA VAL C 84 5.13 7.71 -22.50
C VAL C 84 6.06 7.46 -21.31
N TYR C 85 6.15 8.44 -20.42
CA TYR C 85 7.03 8.43 -19.22
C TYR C 85 6.21 8.39 -17.95
N ASP C 86 6.77 7.81 -16.88
CA ASP C 86 6.18 7.91 -15.56
C ASP C 86 6.68 9.20 -14.91
N GLY C 87 5.81 9.86 -14.17
CA GLY C 87 6.19 11.04 -13.40
C GLY C 87 5.26 11.31 -12.25
N TYR C 88 5.48 12.44 -11.59
CA TYR C 88 4.62 12.90 -10.50
C TYR C 88 4.83 14.38 -10.24
N PHE C 89 3.89 14.94 -9.49
CA PHE C 89 4.02 16.28 -8.94
C PHE C 89 3.84 16.20 -7.43
N LEU C 90 4.40 17.19 -6.74
CA LEU C 90 4.19 17.38 -5.30
C LEU C 90 3.47 18.71 -5.16
N LEU C 91 2.21 18.66 -4.74
CA LEU C 91 1.36 19.84 -4.71
C LEU C 91 0.78 20.08 -3.31
N TYR C 92 0.57 21.35 -2.98
CA TYR C 92 -0.27 21.74 -1.83
C TYR C 92 -1.58 22.20 -2.45
N ILE C 93 -2.71 21.73 -1.95
CA ILE C 93 -4.00 22.10 -2.51
CA ILE C 93 -4.02 22.04 -2.51
C ILE C 93 -4.92 22.59 -1.41
N LEU C 94 -5.57 23.71 -1.67
CA LEU C 94 -6.50 24.38 -0.77
C LEU C 94 -7.79 24.51 -1.55
N VAL C 95 -8.82 23.79 -1.13
CA VAL C 95 -10.08 23.66 -1.90
C VAL C 95 -11.25 24.34 -1.20
N GLY C 96 -11.83 25.36 -1.85
CA GLY C 96 -13.08 25.95 -1.42
C GLY C 96 -13.01 26.90 -0.27
N ASP C 97 -12.56 28.12 -0.54
CA ASP C 97 -12.64 29.22 0.43
C ASP C 97 -14.04 29.87 0.44
N SER C 98 -14.18 30.94 1.22
CA SER C 98 -15.45 31.68 1.33
C SER C 98 -15.93 32.31 0.01
N GLU C 99 -15.03 32.54 -0.94
CA GLU C 99 -15.40 32.99 -2.30
C GLU C 99 -15.54 31.86 -3.31
N GLY C 100 -15.42 30.60 -2.87
CA GLY C 100 -15.54 29.45 -3.76
C GLY C 100 -14.30 29.20 -4.59
N LYS C 101 -13.16 29.80 -4.23
CA LYS C 101 -11.89 29.62 -4.94
C LYS C 101 -11.07 28.50 -4.36
N SER C 102 -10.15 27.97 -5.17
CA SER C 102 -9.20 26.99 -4.75
C SER C 102 -7.80 27.38 -5.22
N TYR C 103 -6.79 26.79 -4.59
CA TYR C 103 -5.37 27.08 -4.90
C TYR C 103 -4.58 25.80 -5.03
N ILE C 104 -3.67 25.79 -6.01
CA ILE C 104 -2.71 24.69 -6.21
C ILE C 104 -1.33 25.35 -6.16
N ILE C 105 -0.46 24.87 -5.28
CA ILE C 105 0.92 25.34 -5.16
C ILE C 105 1.86 24.18 -5.45
N PHE C 106 2.87 24.40 -6.27
CA PHE C 106 3.84 23.37 -6.60
C PHE C 106 4.92 23.44 -5.52
N SER C 107 4.99 22.40 -4.71
CA SER C 107 5.91 22.27 -3.56
C SER C 107 7.35 22.52 -4.00
N GLY C 108 8.05 23.33 -3.22
CA GLY C 108 9.45 23.69 -3.48
C GLY C 108 9.68 24.69 -4.61
N THR C 109 8.61 25.37 -5.07
CA THR C 109 8.71 26.37 -6.15
C THR C 109 7.83 27.58 -5.83
N GLU C 110 7.95 28.62 -6.68
CA GLU C 110 7.07 29.78 -6.58
CA GLU C 110 7.12 29.82 -6.64
C GLU C 110 5.90 29.69 -7.58
N LEU C 111 5.65 28.50 -8.16
CA LEU C 111 4.56 28.28 -9.11
C LEU C 111 3.26 27.96 -8.37
N SER C 112 2.24 28.79 -8.60
CA SER C 112 0.92 28.61 -7.99
CA SER C 112 0.92 28.53 -8.03
CA SER C 112 0.92 28.65 -7.96
C SER C 112 -0.19 29.09 -8.92
N TYR C 113 -1.39 28.52 -8.71
CA TYR C 113 -2.59 28.85 -9.49
C TYR C 113 -3.79 29.03 -8.57
N VAL C 114 -4.67 29.94 -8.94
CA VAL C 114 -5.99 30.11 -8.33
C VAL C 114 -7.02 29.59 -9.33
N LEU C 115 -8.02 28.88 -8.80
CA LEU C 115 -9.06 28.22 -9.61
C LEU C 115 -10.44 28.74 -9.20
N ASP C 116 -11.30 28.91 -10.19
CA ASP C 116 -12.64 29.48 -10.02
C ASP C 116 -13.64 28.48 -9.41
N LYS C 117 -14.88 28.93 -9.22
CA LYS C 117 -15.93 28.12 -8.60
C LYS C 117 -16.18 26.80 -9.32
N ASN C 118 -16.23 26.82 -10.64
CA ASN C 118 -16.42 25.60 -11.43
C ASN C 118 -15.38 24.54 -11.10
N ASN C 119 -14.11 24.94 -11.12
CA ASN C 119 -13.01 24.06 -10.77
C ASN C 119 -13.05 23.61 -9.33
N THR C 120 -13.41 24.52 -8.42
CA THR C 120 -13.58 24.19 -7.01
C THR C 120 -14.65 23.10 -6.82
N ASN C 121 -15.77 23.19 -7.51
CA ASN C 121 -16.78 22.12 -7.47
C ASN C 121 -16.20 20.79 -7.87
N ILE C 122 -15.42 20.80 -8.95
CA ILE C 122 -14.80 19.58 -9.43
C ILE C 122 -13.82 19.03 -8.39
N LEU C 123 -13.02 19.90 -7.80
CA LEU C 123 -12.07 19.49 -6.75
C LEU C 123 -12.78 18.92 -5.53
N LYS C 124 -13.91 19.50 -5.17
CA LYS C 124 -14.75 18.96 -4.09
C LYS C 124 -15.22 17.53 -4.38
N GLU C 125 -15.55 17.25 -5.64
CA GLU C 125 -15.94 15.88 -6.06
C GLU C 125 -14.78 14.91 -5.94
N ILE C 126 -13.60 15.35 -6.39
CA ILE C 126 -12.39 14.54 -6.39
C ILE C 126 -11.98 14.19 -4.96
N PHE C 127 -12.04 15.17 -4.03
CA PHE C 127 -11.54 15.03 -2.66
C PHE C 127 -12.60 14.70 -1.61
N LEU C 128 -13.81 14.35 -2.05
CA LEU C 128 -14.89 13.90 -1.14
C LEU C 128 -14.48 12.55 -0.56
N ASN C 129 -14.57 12.42 0.76
CA ASN C 129 -14.35 11.12 1.48
C ASN C 129 -13.05 10.38 1.13
N VAL C 130 -11.90 11.05 1.25
CA VAL C 130 -10.59 10.43 0.97
C VAL C 130 -10.29 9.36 2.03
CD CD D . -2.08 -13.74 8.74
CD CD E . 8.23 -19.41 -1.15
CD CD F . 3.63 -32.59 1.61
CD CD G . -8.89 -26.06 12.59
CD CD H . 13.83 -17.48 -8.95
CD CD I . -23.39 -4.13 -13.83
CD CD J . 28.31 8.96 17.42
CD CD K . 6.08 12.25 10.37
CD CD L . -4.22 -14.47 13.88
CD CD M . 15.95 -23.35 13.53
CD CD N . 2.29 13.20 11.73
CD CD O . -6.61 16.02 -22.84
CD CD P . -12.26 38.01 -4.76
CD CD Q . -13.94 38.05 -4.91
CD CD R . -6.48 4.60 -15.86
CD CD S . -11.86 4.10 -4.93
CD CD T . -16.22 6.01 -9.50
C1 EDO U . -13.89 4.26 -6.92
O1 EDO U . -15.06 5.10 -6.79
C2 EDO U . -13.55 3.57 -8.24
O2 EDO U . -13.75 2.14 -8.21
#